data_3RV5
#
_entry.id   3RV5
#
_cell.length_a   51.844
_cell.length_b   81.783
_cell.length_c   100.469
_cell.angle_alpha   90.00
_cell.angle_beta   90.00
_cell.angle_gamma   90.00
#
_symmetry.space_group_name_H-M   'P 21 21 2'
#
loop_
_entity.id
_entity.type
_entity.pdbx_description
1 polymer 'Troponin C, slow skeletal and cardiac muscles'
2 non-polymer 'CADMIUM ION'
3 non-polymer '(3ALPHA,5BETA,12ALPHA)-3,12-DIHYDROXYCHOLAN-24-OIC ACID'
4 non-polymer 'CALCIUM ION'
5 water water
#
_entity_poly.entity_id   1
_entity_poly.type   'polypeptide(L)'
_entity_poly.pdbx_seq_one_letter_code
;(MSE)DDIYKAAVEQLTEEQKNEFKAAFDIFVLGAEDGCISTKELGKV(MSE)R(MSE)LGQNPTPEELQE(MSE)IDEV
DEDGSGTVDFDEFLV(MSE)(MSE)VRC(MSE)KDDS
;
_entity_poly.pdbx_strand_id   A,B,C,D
#
loop_
_chem_comp.id
_chem_comp.type
_chem_comp.name
_chem_comp.formula
CA non-polymer 'CALCIUM ION' 'Ca 2'
CD non-polymer 'CADMIUM ION' 'Cd 2'
DXC non-polymer '(3ALPHA,5BETA,12ALPHA)-3,12-DIHYDROXYCHOLAN-24-OIC ACID' 'C24 H40 O4'
#
# COMPACT_ATOMS: atom_id res chain seq x y z
N ASP A 3 1.54 -14.58 -32.58
CA ASP A 3 2.28 -15.71 -31.96
C ASP A 3 1.62 -17.08 -32.17
N ILE A 4 2.07 -18.07 -31.39
CA ILE A 4 1.65 -19.45 -31.55
C ILE A 4 0.23 -19.73 -31.02
N TYR A 5 -0.11 -19.17 -29.86
CA TYR A 5 -1.44 -19.43 -29.29
C TYR A 5 -2.55 -18.83 -30.16
N LYS A 6 -2.24 -17.71 -30.83
CA LYS A 6 -3.24 -17.01 -31.66
C LYS A 6 -3.57 -17.77 -32.92
N ALA A 7 -2.54 -18.32 -33.56
CA ALA A 7 -2.72 -19.26 -34.67
C ALA A 7 -3.47 -20.52 -34.21
N ALA A 8 -3.14 -21.00 -33.02
CA ALA A 8 -3.75 -22.21 -32.48
C ALA A 8 -5.25 -22.03 -32.33
N VAL A 9 -5.65 -20.93 -31.70
CA VAL A 9 -7.07 -20.66 -31.53
C VAL A 9 -7.75 -20.43 -32.88
N GLU A 10 -7.04 -19.77 -33.80
CA GLU A 10 -7.55 -19.60 -35.15
C GLU A 10 -7.72 -20.98 -35.86
N GLN A 11 -6.88 -21.96 -35.54
CA GLN A 11 -7.02 -23.32 -36.09
C GLN A 11 -8.11 -24.18 -35.42
N LEU A 12 -8.80 -23.66 -34.40
CA LEU A 12 -9.85 -24.44 -33.79
C LEU A 12 -11.00 -24.63 -34.78
N THR A 13 -11.58 -25.82 -34.82
CA THR A 13 -12.85 -25.97 -35.56
C THR A 13 -13.93 -25.12 -34.89
N GLU A 14 -14.92 -24.73 -35.68
CA GLU A 14 -16.11 -24.11 -35.16
C GLU A 14 -16.73 -24.92 -34.00
N GLU A 15 -16.61 -26.24 -34.08
CA GLU A 15 -17.15 -27.10 -33.05
C GLU A 15 -16.41 -26.85 -31.74
N GLN A 16 -15.09 -26.80 -31.84
CA GLN A 16 -14.21 -26.58 -30.72
C GLN A 16 -14.40 -25.23 -30.10
N LYS A 17 -14.61 -24.21 -30.93
CA LYS A 17 -14.91 -22.88 -30.45
C LYS A 17 -16.23 -22.83 -29.69
N ASN A 18 -17.27 -23.52 -30.17
CA ASN A 18 -18.55 -23.48 -29.44
C ASN A 18 -18.43 -24.29 -28.13
N GLU A 19 -17.53 -25.26 -28.15
CA GLU A 19 -17.29 -26.05 -26.97
C GLU A 19 -16.50 -25.24 -25.99
N PHE A 20 -15.57 -24.43 -26.50
CA PHE A 20 -14.68 -23.64 -25.62
C PHE A 20 -15.50 -22.58 -24.85
N LYS A 21 -16.40 -21.94 -25.56
CA LYS A 21 -17.37 -20.99 -25.00
C LYS A 21 -18.32 -21.67 -24.01
N ALA A 22 -18.87 -22.83 -24.35
CA ALA A 22 -19.67 -23.56 -23.35
C ALA A 22 -18.91 -23.85 -22.10
N ALA A 23 -17.63 -24.16 -22.25
CA ALA A 23 -16.78 -24.54 -21.17
C ALA A 23 -16.66 -23.36 -20.16
N PHE A 24 -16.48 -22.15 -20.70
CA PHE A 24 -16.47 -20.96 -19.89
C PHE A 24 -17.84 -20.68 -19.24
N ASP A 25 -18.95 -20.95 -19.95
CA ASP A 25 -20.30 -20.81 -19.40
C ASP A 25 -20.47 -21.68 -18.17
N ILE A 26 -19.90 -22.86 -18.24
CA ILE A 26 -20.01 -23.84 -17.19
C ILE A 26 -19.14 -23.42 -16.00
N PHE A 27 -17.93 -22.95 -16.29
CA PHE A 27 -17.06 -22.29 -15.30
C PHE A 27 -17.82 -21.23 -14.45
N VAL A 28 -18.50 -20.31 -15.10
CA VAL A 28 -19.27 -19.26 -14.46
C VAL A 28 -20.45 -19.84 -13.63
N LEU A 29 -21.14 -20.84 -14.20
CA LEU A 29 -22.23 -21.51 -13.52
C LEU A 29 -21.71 -22.14 -12.26
N GLY A 30 -20.59 -22.84 -12.31
CA GLY A 30 -19.95 -23.37 -11.07
C GLY A 30 -19.82 -22.40 -9.86
N ALA A 31 -19.51 -21.15 -10.16
CA ALA A 31 -19.21 -20.14 -9.13
C ALA A 31 -20.45 -19.47 -8.64
N GLU A 32 -21.59 -19.73 -9.32
CA GLU A 32 -22.82 -19.11 -8.87
C GLU A 32 -23.20 -19.51 -7.45
N ASP A 33 -22.61 -20.61 -6.95
CA ASP A 33 -22.93 -21.10 -5.59
C ASP A 33 -21.92 -20.48 -4.58
N GLY A 34 -20.97 -19.67 -5.07
CA GLY A 34 -19.96 -19.07 -4.21
C GLY A 34 -18.62 -19.79 -4.11
N CYS A 35 -18.50 -20.93 -4.80
CA CYS A 35 -17.27 -21.74 -4.72
C CYS A 35 -16.83 -22.15 -6.08
N ILE A 36 -15.58 -22.54 -6.18
CA ILE A 36 -15.13 -23.33 -7.30
C ILE A 36 -14.54 -24.61 -6.68
N SER A 37 -15.05 -25.76 -7.10
CA SER A 37 -14.50 -27.05 -6.69
C SER A 37 -13.73 -27.82 -7.81
N THR A 38 -13.05 -28.89 -7.38
CA THR A 38 -12.40 -29.88 -8.25
C THR A 38 -13.29 -30.45 -9.34
N LYS A 39 -14.54 -30.75 -8.99
CA LYS A 39 -15.48 -31.33 -9.89
C LYS A 39 -15.83 -30.35 -10.97
N GLU A 40 -16.05 -29.11 -10.55
CA GLU A 40 -16.50 -28.05 -11.42
C GLU A 40 -15.43 -27.80 -12.39
N LEU A 41 -14.18 -27.77 -11.93
CA LEU A 41 -13.05 -27.58 -12.79
C LEU A 41 -12.83 -28.80 -13.71
N GLY A 42 -13.11 -30.01 -13.22
CA GLY A 42 -13.00 -31.28 -13.96
C GLY A 42 -13.84 -31.26 -15.22
N LYS A 43 -15.06 -30.77 -15.04
CA LYS A 43 -16.04 -30.60 -16.07
C LYS A 43 -15.72 -29.50 -17.15
N VAL A 44 -15.32 -28.31 -16.74
CA VAL A 44 -14.72 -27.31 -17.66
C VAL A 44 -13.62 -27.98 -18.52
N MSE A 45 -12.69 -28.69 -17.90
CA MSE A 45 -11.63 -29.44 -18.61
C MSE A 45 -12.16 -30.49 -19.63
O MSE A 45 -11.66 -30.51 -20.79
CB MSE A 45 -10.70 -30.16 -17.62
CG MSE A 45 -9.83 -29.30 -16.79
SE MSE A 45 -8.49 -30.35 -15.72
CE MSE A 45 -7.25 -31.16 -17.06
N ARG A 46 -13.13 -31.33 -19.21
CA ARG A 46 -13.79 -32.27 -20.15
C ARG A 46 -14.32 -31.54 -21.38
N MSE A 47 -15.01 -30.43 -21.17
CA MSE A 47 -15.61 -29.73 -22.28
C MSE A 47 -14.53 -29.21 -23.26
O MSE A 47 -14.79 -29.07 -24.47
CB MSE A 47 -16.45 -28.58 -21.77
CG MSE A 47 -17.10 -27.77 -22.87
SE MSE A 47 -18.60 -28.73 -23.69
CE MSE A 47 -19.23 -29.61 -22.08
N LEU A 48 -13.35 -28.92 -22.70
CA LEU A 48 -12.18 -28.51 -23.48
C LEU A 48 -11.51 -29.70 -24.20
N GLY A 49 -11.99 -30.92 -23.91
CA GLY A 49 -11.51 -32.16 -24.52
C GLY A 49 -10.37 -32.85 -23.80
N GLN A 50 -10.16 -32.47 -22.55
CA GLN A 50 -9.07 -32.99 -21.75
C GLN A 50 -9.64 -33.95 -20.72
N ASN A 51 -8.79 -34.86 -20.26
CA ASN A 51 -9.18 -35.75 -19.20
C ASN A 51 -8.94 -34.96 -17.92
N PRO A 52 -9.89 -35.01 -16.97
CA PRO A 52 -9.74 -34.32 -15.69
C PRO A 52 -8.49 -34.79 -14.98
N THR A 53 -7.82 -33.90 -14.27
CA THR A 53 -6.75 -34.31 -13.38
C THR A 53 -7.17 -33.97 -11.93
N PRO A 54 -8.13 -34.76 -11.35
CA PRO A 54 -8.68 -34.37 -10.04
C PRO A 54 -7.62 -34.12 -8.94
N GLU A 55 -6.62 -34.99 -8.82
CA GLU A 55 -5.60 -34.83 -7.80
C GLU A 55 -4.83 -33.50 -7.89
N GLU A 56 -4.39 -33.16 -9.12
CA GLU A 56 -3.64 -31.91 -9.33
C GLU A 56 -4.53 -30.68 -9.04
N LEU A 57 -5.83 -30.80 -9.34
CA LEU A 57 -6.77 -29.73 -9.03
C LEU A 57 -6.99 -29.58 -7.50
N GLN A 58 -7.32 -30.68 -6.83
CA GLN A 58 -7.45 -30.65 -5.39
C GLN A 58 -6.22 -30.03 -4.72
N GLU A 59 -5.03 -30.34 -5.25
CA GLU A 59 -3.77 -29.83 -4.68
C GLU A 59 -3.74 -28.32 -4.82
N MSE A 60 -4.05 -27.84 -6.01
CA MSE A 60 -4.03 -26.42 -6.25
C MSE A 60 -5.05 -25.76 -5.30
O MSE A 60 -4.73 -24.72 -4.68
CB MSE A 60 -4.35 -26.19 -7.73
CG MSE A 60 -4.33 -24.80 -8.23
SE MSE A 60 -5.28 -24.80 -9.95
CE MSE A 60 -4.53 -26.43 -10.77
N ILE A 61 -6.22 -26.36 -5.14
CA ILE A 61 -7.23 -25.89 -4.18
C ILE A 61 -6.72 -25.91 -2.73
N ASP A 62 -6.14 -27.04 -2.34
CA ASP A 62 -5.83 -27.29 -0.96
C ASP A 62 -4.79 -26.30 -0.48
N GLU A 63 -3.86 -25.97 -1.37
CA GLU A 63 -2.72 -25.11 -1.05
C GLU A 63 -3.14 -23.68 -0.69
N VAL A 64 -4.28 -23.24 -1.22
CA VAL A 64 -4.91 -21.94 -0.87
C VAL A 64 -6.18 -22.06 0.01
N ASP A 65 -6.63 -23.29 0.30
CA ASP A 65 -7.87 -23.47 1.05
C ASP A 65 -7.73 -23.22 2.57
N GLU A 66 -7.95 -21.99 3.02
CA GLU A 66 -7.70 -21.64 4.43
C GLU A 66 -8.88 -21.93 5.37
N ASP A 67 -10.09 -22.01 4.85
CA ASP A 67 -11.26 -22.25 5.69
C ASP A 67 -11.60 -23.75 5.78
N GLY A 68 -10.73 -24.55 5.18
CA GLY A 68 -10.91 -25.98 5.16
C GLY A 68 -12.18 -26.45 4.50
N SER A 69 -12.83 -25.63 3.64
CA SER A 69 -14.06 -26.01 2.88
C SER A 69 -13.89 -27.16 1.83
N GLY A 70 -12.64 -27.38 1.42
CA GLY A 70 -12.34 -28.28 0.32
C GLY A 70 -12.66 -27.70 -1.05
N THR A 71 -13.13 -26.45 -1.06
CA THR A 71 -13.42 -25.70 -2.26
C THR A 71 -12.78 -24.33 -2.12
N VAL A 72 -12.83 -23.51 -3.18
CA VAL A 72 -12.30 -22.12 -3.07
C VAL A 72 -13.47 -21.18 -3.14
N ASP A 73 -13.51 -20.24 -2.16
CA ASP A 73 -14.37 -19.07 -2.29
C ASP A 73 -13.68 -18.03 -3.20
N PHE A 74 -14.33 -16.88 -3.35
CA PHE A 74 -13.87 -15.75 -4.12
C PHE A 74 -12.47 -15.30 -3.73
N ASP A 75 -12.18 -15.11 -2.42
CA ASP A 75 -10.86 -14.65 -1.99
C ASP A 75 -9.76 -15.70 -2.17
N GLU A 76 -10.11 -16.96 -1.98
CA GLU A 76 -9.15 -18.05 -2.16
C GLU A 76 -8.89 -18.24 -3.68
N PHE A 77 -9.91 -18.08 -4.52
CA PHE A 77 -9.76 -18.10 -5.95
C PHE A 77 -8.79 -16.98 -6.44
N LEU A 78 -8.83 -15.80 -5.83
CA LEU A 78 -7.88 -14.77 -6.24
C LEU A 78 -6.46 -15.19 -5.99
N VAL A 79 -6.19 -15.83 -4.86
CA VAL A 79 -4.83 -16.26 -4.51
C VAL A 79 -4.45 -17.42 -5.44
N MSE A 80 -5.40 -18.33 -5.67
CA MSE A 80 -5.15 -19.41 -6.62
C MSE A 80 -4.77 -18.84 -8.01
O MSE A 80 -3.82 -19.29 -8.61
CB MSE A 80 -6.37 -20.30 -6.74
CG MSE A 80 -6.08 -21.65 -7.39
SE MSE A 80 -7.71 -22.73 -7.39
CE MSE A 80 -8.47 -22.14 -9.12
N MSE A 81 -5.51 -17.84 -8.46
CA MSE A 81 -5.31 -17.20 -9.75
C MSE A 81 -3.88 -16.66 -9.88
O MSE A 81 -3.19 -16.95 -10.87
CB MSE A 81 -6.32 -16.09 -9.89
CG MSE A 81 -6.72 -15.72 -11.27
SE MSE A 81 -7.75 -14.09 -11.09
CE MSE A 81 -6.28 -12.85 -10.77
N VAL A 82 -3.41 -15.91 -8.90
CA VAL A 82 -2.06 -15.33 -9.01
C VAL A 82 -1.00 -16.39 -8.97
N ARG A 83 -1.31 -17.51 -8.33
CA ARG A 83 -0.43 -18.67 -8.38
C ARG A 83 -0.28 -19.45 -9.72
N CYS A 84 -1.33 -19.58 -10.57
CA CYS A 84 -1.22 -20.28 -11.91
C CYS A 84 -0.30 -19.54 -12.86
N MSE A 85 -0.37 -18.20 -12.78
CA MSE A 85 0.21 -17.30 -13.77
C MSE A 85 1.71 -16.99 -13.57
O MSE A 85 2.14 -16.59 -12.48
CB MSE A 85 -0.62 -16.02 -13.92
CG MSE A 85 -0.89 -15.20 -12.66
SE MSE A 85 -2.58 -14.19 -12.93
CE MSE A 85 -2.12 -12.45 -12.17
N TYR B 5 5.56 -7.77 -24.33
CA TYR B 5 6.85 -7.29 -23.74
C TYR B 5 6.72 -6.94 -22.26
N LYS B 6 6.84 -7.97 -21.44
CA LYS B 6 6.76 -7.85 -19.99
C LYS B 6 7.98 -8.51 -19.37
N ALA B 7 9.13 -8.32 -20.02
CA ALA B 7 10.46 -8.51 -19.41
C ALA B 7 10.75 -7.31 -18.51
N ALA B 8 9.92 -6.28 -18.64
CA ALA B 8 9.97 -5.07 -17.83
C ALA B 8 9.57 -5.35 -16.38
N VAL B 9 8.60 -6.23 -16.18
CA VAL B 9 8.12 -6.49 -14.82
C VAL B 9 9.21 -7.06 -13.89
N GLU B 10 10.27 -7.61 -14.47
CA GLU B 10 11.43 -8.11 -13.71
C GLU B 10 12.40 -7.03 -13.23
N GLN B 11 12.18 -5.79 -13.64
CA GLN B 11 13.03 -4.68 -13.17
C GLN B 11 12.56 -4.11 -11.81
N LEU B 12 11.36 -4.54 -11.38
CA LEU B 12 10.79 -4.10 -10.11
C LEU B 12 11.65 -4.58 -8.95
N THR B 13 12.02 -3.63 -8.08
CA THR B 13 12.79 -3.94 -6.89
C THR B 13 11.91 -4.74 -5.92
N GLU B 14 12.54 -5.32 -4.90
CA GLU B 14 11.82 -6.12 -3.90
C GLU B 14 10.82 -5.20 -3.17
N GLU B 15 11.26 -3.99 -2.82
CA GLU B 15 10.38 -2.94 -2.26
C GLU B 15 9.15 -2.62 -3.12
N GLN B 16 9.34 -2.50 -4.42
CA GLN B 16 8.21 -2.22 -5.30
C GLN B 16 7.24 -3.42 -5.36
N LYS B 17 7.76 -4.63 -5.25
CA LYS B 17 6.91 -5.80 -5.24
C LYS B 17 6.06 -5.84 -3.95
N ASN B 18 6.65 -5.42 -2.84
CA ASN B 18 5.92 -5.38 -1.56
C ASN B 18 4.86 -4.30 -1.54
N GLU B 19 5.07 -3.23 -2.30
CA GLU B 19 4.06 -2.20 -2.48
C GLU B 19 2.85 -2.78 -3.22
N PHE B 20 3.15 -3.50 -4.29
CA PHE B 20 2.13 -4.08 -5.11
C PHE B 20 1.42 -5.18 -4.30
N LYS B 21 2.18 -5.95 -3.55
CA LYS B 21 1.61 -6.93 -2.66
C LYS B 21 0.52 -6.33 -1.76
N ALA B 22 0.82 -5.18 -1.13
CA ALA B 22 -0.13 -4.48 -0.26
C ALA B 22 -1.43 -4.23 -0.95
N ALA B 23 -1.36 -3.83 -2.23
CA ALA B 23 -2.58 -3.53 -2.97
C ALA B 23 -3.34 -4.82 -3.28
N PHE B 24 -2.61 -5.88 -3.59
CA PHE B 24 -3.24 -7.15 -3.88
C PHE B 24 -3.99 -7.67 -2.66
N ASP B 25 -3.35 -7.58 -1.50
CA ASP B 25 -3.93 -8.08 -0.28
C ASP B 25 -5.22 -7.35 0.12
N ILE B 26 -5.27 -6.05 -0.20
CA ILE B 26 -6.43 -5.25 0.07
C ILE B 26 -7.59 -5.67 -0.87
N PHE B 27 -7.26 -6.06 -2.07
CA PHE B 27 -8.22 -6.65 -2.98
C PHE B 27 -8.80 -7.96 -2.47
N VAL B 28 -7.91 -8.86 -2.07
CA VAL B 28 -8.30 -10.15 -1.53
C VAL B 28 -9.17 -9.89 -0.28
N LEU B 29 -8.79 -8.91 0.54
CA LEU B 29 -9.55 -8.55 1.72
C LEU B 29 -10.97 -8.13 1.35
N GLY B 30 -11.11 -7.27 0.33
CA GLY B 30 -12.40 -6.83 -0.18
C GLY B 30 -13.31 -8.04 -0.54
N ALA B 31 -12.70 -9.06 -1.12
CA ALA B 31 -13.44 -10.20 -1.64
C ALA B 31 -13.75 -11.27 -0.56
N GLU B 32 -13.27 -11.08 0.68
CA GLU B 32 -13.45 -12.05 1.76
C GLU B 32 -14.93 -12.22 2.15
N ASP B 33 -15.76 -11.18 2.03
CA ASP B 33 -17.21 -11.30 2.24
C ASP B 33 -17.94 -11.90 0.97
N GLY B 34 -17.18 -12.33 -0.01
CA GLY B 34 -17.77 -12.79 -1.25
C GLY B 34 -18.16 -11.83 -2.36
N CYS B 35 -18.00 -10.51 -2.17
CA CYS B 35 -18.26 -9.54 -3.26
C CYS B 35 -17.05 -8.61 -3.54
N ILE B 36 -17.06 -7.97 -4.68
CA ILE B 36 -16.29 -6.75 -4.88
C ILE B 36 -17.30 -5.60 -4.95
N SER B 37 -17.29 -4.69 -3.96
CA SER B 37 -18.01 -3.39 -4.06
C SER B 37 -17.16 -2.26 -4.70
N THR B 38 -17.80 -1.12 -5.03
CA THR B 38 -17.17 -0.02 -5.74
C THR B 38 -16.11 0.63 -4.87
N LYS B 39 -16.39 0.71 -3.59
CA LYS B 39 -15.36 1.14 -2.65
C LYS B 39 -14.12 0.27 -2.57
N GLU B 40 -14.30 -1.04 -2.59
CA GLU B 40 -13.21 -1.98 -2.51
C GLU B 40 -12.36 -1.90 -3.77
N LEU B 41 -13.02 -1.78 -4.90
CA LEU B 41 -12.39 -1.75 -6.17
C LEU B 41 -11.63 -0.41 -6.32
N GLY B 42 -12.30 0.69 -6.01
CA GLY B 42 -11.72 2.03 -6.15
C GLY B 42 -10.46 2.15 -5.31
N LYS B 43 -10.53 1.66 -4.07
CA LYS B 43 -9.40 1.65 -3.18
C LYS B 43 -8.18 0.90 -3.75
N VAL B 44 -8.37 -0.30 -4.31
CA VAL B 44 -7.27 -1.01 -4.90
C VAL B 44 -6.74 -0.20 -6.09
N MSE B 45 -7.65 0.32 -6.91
CA MSE B 45 -7.26 1.11 -8.09
C MSE B 45 -6.44 2.32 -7.71
O MSE B 45 -5.44 2.59 -8.36
CB MSE B 45 -8.47 1.49 -8.96
CG MSE B 45 -8.98 0.28 -9.79
SE MSE B 45 -10.65 0.58 -10.75
CE MSE B 45 -9.95 1.60 -12.27
N ARG B 46 -6.81 3.00 -6.63
CA ARG B 46 -6.05 4.15 -6.16
C ARG B 46 -4.64 3.76 -5.71
N MSE B 47 -4.53 2.60 -5.05
CA MSE B 47 -3.24 2.15 -4.55
C MSE B 47 -2.31 1.88 -5.72
O MSE B 47 -1.11 2.09 -5.61
CB MSE B 47 -3.42 0.92 -3.67
CG MSE B 47 -4.22 1.22 -2.38
SE MSE B 47 -4.47 -0.42 -1.40
CE MSE B 47 -2.69 -0.68 -0.59
N LEU B 48 -2.89 1.44 -6.84
CA LEU B 48 -2.14 1.12 -8.05
C LEU B 48 -1.98 2.34 -8.96
N GLY B 49 -2.33 3.52 -8.46
CA GLY B 49 -2.00 4.77 -9.13
C GLY B 49 -3.01 5.20 -10.17
N GLN B 50 -4.25 4.71 -10.03
CA GLN B 50 -5.37 5.16 -10.85
C GLN B 50 -6.26 6.10 -10.07
N ASN B 51 -7.11 6.82 -10.80
CA ASN B 51 -7.98 7.79 -10.16
C ASN B 51 -9.45 7.72 -10.64
N PRO B 52 -10.13 6.60 -10.33
CA PRO B 52 -11.45 6.32 -10.91
C PRO B 52 -12.50 7.18 -10.28
N THR B 53 -13.47 7.62 -11.06
CA THR B 53 -14.61 8.32 -10.49
C THR B 53 -15.63 7.28 -9.99
N PRO B 54 -16.61 7.73 -9.16
CA PRO B 54 -17.83 7.03 -8.81
C PRO B 54 -18.56 6.44 -9.98
N GLU B 55 -18.80 7.27 -11.00
CA GLU B 55 -19.40 6.88 -12.26
C GLU B 55 -18.67 5.68 -12.81
N GLU B 56 -17.35 5.82 -12.96
CA GLU B 56 -16.61 4.77 -13.59
C GLU B 56 -16.67 3.48 -12.76
N LEU B 57 -16.53 3.59 -11.44
CA LEU B 57 -16.57 2.41 -10.61
C LEU B 57 -17.93 1.74 -10.72
N GLN B 58 -18.99 2.53 -10.64
CA GLN B 58 -20.36 2.05 -10.87
C GLN B 58 -20.59 1.41 -12.23
N GLU B 59 -20.02 2.01 -13.28
CA GLU B 59 -20.17 1.41 -14.59
C GLU B 59 -19.49 0.04 -14.66
N MSE B 60 -18.29 -0.07 -14.11
CA MSE B 60 -17.54 -1.32 -14.13
C MSE B 60 -18.36 -2.40 -13.45
O MSE B 60 -18.43 -3.55 -13.90
CB MSE B 60 -16.20 -1.18 -13.42
CG MSE B 60 -15.19 -0.39 -14.19
SE MSE B 60 -13.60 0.06 -13.10
CE MSE B 60 -12.94 -1.75 -12.85
N ILE B 61 -19.03 -2.02 -12.38
CA ILE B 61 -19.87 -2.95 -11.67
C ILE B 61 -21.13 -3.33 -12.45
N ASP B 62 -21.86 -2.30 -12.91
CA ASP B 62 -23.13 -2.45 -13.61
C ASP B 62 -23.07 -3.32 -14.84
N GLU B 63 -21.94 -3.30 -15.53
CA GLU B 63 -21.80 -4.14 -16.71
C GLU B 63 -21.83 -5.67 -16.44
N VAL B 64 -21.56 -6.09 -15.18
CA VAL B 64 -21.63 -7.51 -14.86
C VAL B 64 -22.62 -7.81 -13.75
N ASP B 65 -23.23 -6.78 -13.18
CA ASP B 65 -23.98 -7.01 -11.98
C ASP B 65 -25.37 -7.60 -12.30
N GLU B 66 -25.34 -8.81 -12.84
CA GLU B 66 -26.54 -9.50 -13.25
C GLU B 66 -27.70 -9.55 -12.27
N ASP B 67 -27.40 -9.66 -10.97
CA ASP B 67 -28.48 -9.85 -9.96
C ASP B 67 -28.87 -8.56 -9.24
N GLY B 68 -28.53 -7.41 -9.83
CA GLY B 68 -28.79 -6.09 -9.23
C GLY B 68 -28.40 -5.82 -7.77
N SER B 69 -27.33 -6.43 -7.27
CA SER B 69 -26.79 -6.12 -5.95
C SER B 69 -26.01 -4.78 -5.85
N GLY B 70 -25.54 -4.24 -6.96
CA GLY B 70 -24.66 -3.07 -6.90
C GLY B 70 -23.26 -3.49 -6.46
N THR B 71 -23.00 -4.79 -6.43
CA THR B 71 -21.65 -5.34 -6.18
C THR B 71 -21.37 -6.46 -7.19
N VAL B 72 -20.14 -6.96 -7.19
CA VAL B 72 -19.77 -8.08 -8.06
C VAL B 72 -19.57 -9.34 -7.16
N ASP B 73 -20.44 -10.35 -7.30
CA ASP B 73 -20.17 -11.66 -6.66
C ASP B 73 -19.19 -12.48 -7.51
N PHE B 74 -18.82 -13.66 -7.00
CA PHE B 74 -17.82 -14.53 -7.57
C PHE B 74 -18.12 -14.85 -9.05
N ASP B 75 -19.35 -15.29 -9.36
CA ASP B 75 -19.71 -15.54 -10.78
C ASP B 75 -19.73 -14.27 -11.65
N GLU B 76 -20.21 -13.14 -11.12
CA GLU B 76 -20.18 -11.90 -11.94
C GLU B 76 -18.69 -11.49 -12.13
N PHE B 77 -17.83 -11.88 -11.18
CA PHE B 77 -16.41 -11.55 -11.30
C PHE B 77 -15.71 -12.34 -12.39
N LEU B 78 -16.13 -13.59 -12.59
CA LEU B 78 -15.54 -14.40 -13.68
C LEU B 78 -15.95 -13.82 -14.99
N VAL B 79 -17.16 -13.28 -15.05
CA VAL B 79 -17.61 -12.62 -16.27
C VAL B 79 -16.85 -11.33 -16.49
N MSE B 80 -16.70 -10.53 -15.44
CA MSE B 80 -15.85 -9.32 -15.54
C MSE B 80 -14.44 -9.68 -16.01
O MSE B 80 -13.90 -9.02 -16.89
CB MSE B 80 -15.83 -8.51 -14.23
CG MSE B 80 -14.85 -7.33 -14.19
SE MSE B 80 -14.65 -6.65 -12.34
CE MSE B 80 -16.24 -5.56 -12.30
N MSE B 81 -13.88 -10.74 -15.46
CA MSE B 81 -12.54 -11.22 -15.81
C MSE B 81 -12.20 -11.25 -17.31
O MSE B 81 -11.03 -11.18 -17.65
CB MSE B 81 -12.30 -12.61 -15.21
CG MSE B 81 -11.47 -12.62 -13.93
SE MSE B 81 -10.70 -14.39 -13.65
CE MSE B 81 -9.50 -14.52 -15.19
N VAL B 82 -13.20 -11.36 -18.17
CA VAL B 82 -13.05 -11.16 -19.62
C VAL B 82 -13.93 -10.02 -20.12
N ASP C 3 -7.71 4.62 25.43
CA ASP C 3 -7.61 5.55 24.27
C ASP C 3 -8.38 4.97 23.09
N ILE C 4 -9.46 5.64 22.72
CA ILE C 4 -10.22 5.23 21.54
C ILE C 4 -9.27 5.14 20.32
N TYR C 5 -8.37 6.10 20.16
CA TYR C 5 -7.46 6.13 19.02
C TYR C 5 -6.55 4.89 19.00
N LYS C 6 -6.03 4.53 20.17
CA LYS C 6 -5.33 3.27 20.34
C LYS C 6 -6.20 2.05 19.95
N ALA C 7 -7.42 1.97 20.48
CA ALA C 7 -8.31 0.84 20.17
C ALA C 7 -8.67 0.78 18.67
N ALA C 8 -8.77 1.92 18.02
CA ALA C 8 -8.99 2.02 16.58
C ALA C 8 -7.92 1.27 15.79
N VAL C 9 -6.66 1.54 16.10
CA VAL C 9 -5.53 0.90 15.42
C VAL C 9 -5.65 -0.61 15.56
N GLU C 10 -5.78 -1.06 16.80
CA GLU C 10 -5.83 -2.49 17.12
C GLU C 10 -7.00 -3.23 16.46
N GLN C 11 -7.98 -2.48 15.98
CA GLN C 11 -9.11 -3.05 15.25
C GLN C 11 -8.89 -3.15 13.72
N LEU C 12 -7.81 -2.57 13.22
CA LEU C 12 -7.55 -2.64 11.79
C LEU C 12 -7.24 -4.08 11.43
N THR C 13 -7.64 -4.50 10.23
CA THR C 13 -7.22 -5.80 9.73
C THR C 13 -5.69 -5.91 9.52
N GLU C 14 -5.22 -7.15 9.39
CA GLU C 14 -3.84 -7.45 9.12
C GLU C 14 -3.40 -6.70 7.83
N GLU C 15 -4.32 -6.65 6.85
CA GLU C 15 -4.09 -6.05 5.54
C GLU C 15 -3.93 -4.55 5.63
N GLN C 16 -4.77 -3.92 6.44
CA GLN C 16 -4.69 -2.48 6.60
C GLN C 16 -3.38 -2.11 7.33
N LYS C 17 -3.07 -2.91 8.35
CA LYS C 17 -1.84 -2.71 9.13
C LYS C 17 -0.63 -2.76 8.19
N ASN C 18 -0.64 -3.72 7.24
CA ASN C 18 0.45 -3.85 6.29
C ASN C 18 0.50 -2.63 5.38
N GLU C 19 -0.68 -2.09 5.07
CA GLU C 19 -0.81 -0.84 4.33
C GLU C 19 -0.05 0.33 4.96
N PHE C 20 -0.21 0.47 6.27
CA PHE C 20 0.45 1.52 7.05
C PHE C 20 1.96 1.31 7.10
N LYS C 21 2.39 0.08 7.37
CA LYS C 21 3.78 -0.29 7.28
C LYS C 21 4.34 0.08 5.90
N ALA C 22 3.67 -0.31 4.83
CA ALA C 22 4.16 -0.02 3.48
C ALA C 22 4.21 1.50 3.24
N ALA C 23 3.22 2.25 3.74
CA ALA C 23 3.20 3.71 3.63
C ALA C 23 4.43 4.38 4.24
N PHE C 24 4.80 3.89 5.42
CA PHE C 24 5.95 4.43 6.16
C PHE C 24 7.27 4.12 5.44
N ASP C 25 7.42 2.90 4.92
CA ASP C 25 8.61 2.52 4.15
C ASP C 25 8.78 3.38 2.92
N ILE C 26 7.69 3.66 2.20
CA ILE C 26 7.82 4.45 0.99
C ILE C 26 8.21 5.86 1.37
N PHE C 27 7.66 6.35 2.45
CA PHE C 27 8.07 7.67 2.94
C PHE C 27 9.60 7.76 3.26
N VAL C 28 10.09 6.75 3.96
CA VAL C 28 11.46 6.74 4.36
C VAL C 28 12.34 6.58 3.11
N LEU C 29 11.90 5.77 2.15
CA LEU C 29 12.63 5.59 0.88
C LEU C 29 12.65 6.86 0.05
N GLY C 30 11.55 7.62 0.02
CA GLY C 30 11.55 8.94 -0.58
C GLY C 30 12.57 9.93 0.04
N ALA C 31 12.83 9.76 1.33
CA ALA C 31 13.71 10.66 2.14
C ALA C 31 15.22 10.24 2.10
N GLU C 32 15.49 9.07 1.53
CA GLU C 32 16.84 8.55 1.29
C GLU C 32 17.66 9.49 0.48
N ASP C 33 17.01 10.21 -0.46
CA ASP C 33 17.68 11.19 -1.33
C ASP C 33 17.95 12.55 -0.67
N GLY C 34 17.38 12.77 0.51
CA GLY C 34 17.49 14.04 1.16
C GLY C 34 16.33 15.02 1.10
N CYS C 35 15.36 14.80 0.21
CA CYS C 35 14.19 15.68 0.03
C CYS C 35 12.91 14.90 0.24
N ILE C 36 11.81 15.60 0.50
CA ILE C 36 10.50 14.98 0.26
C ILE C 36 9.87 15.75 -0.91
N SER C 37 9.64 15.07 -2.03
CA SER C 37 8.92 15.70 -3.17
C SER C 37 7.36 15.52 -3.15
N THR C 38 6.66 16.15 -4.09
CA THR C 38 5.18 16.06 -4.16
C THR C 38 4.75 14.66 -4.49
N LYS C 39 5.54 14.05 -5.37
CA LYS C 39 5.32 12.71 -5.89
C LYS C 39 5.56 11.66 -4.84
N GLU C 40 6.63 11.84 -4.07
CA GLU C 40 6.92 10.92 -2.97
C GLU C 40 5.77 10.99 -1.95
N LEU C 41 5.31 12.20 -1.68
CA LEU C 41 4.20 12.38 -0.75
C LEU C 41 2.91 11.76 -1.31
N GLY C 42 2.82 11.70 -2.63
CA GLY C 42 1.64 11.24 -3.29
C GLY C 42 1.49 9.76 -3.13
N LYS C 43 2.58 9.02 -3.39
CA LYS C 43 2.65 7.56 -3.20
C LYS C 43 2.35 7.16 -1.75
N VAL C 44 2.72 8.00 -0.79
CA VAL C 44 2.45 7.66 0.60
C VAL C 44 0.94 7.64 0.81
N MSE C 45 0.26 8.62 0.23
CA MSE C 45 -1.19 8.71 0.37
C MSE C 45 -1.96 7.68 -0.47
O MSE C 45 -2.92 7.09 0.00
CB MSE C 45 -1.65 10.13 0.09
CG MSE C 45 -1.25 11.13 1.17
SE MSE C 45 -1.53 12.94 0.50
CE MSE C 45 -0.47 13.92 1.88
N ARG C 46 -1.52 7.44 -1.70
CA ARG C 46 -2.02 6.34 -2.53
C ARG C 46 -1.93 4.98 -1.84
N MSE C 47 -0.80 4.73 -1.17
CA MSE C 47 -0.65 3.53 -0.39
C MSE C 47 -1.66 3.55 0.76
O MSE C 47 -2.12 2.49 1.21
CB MSE C 47 0.78 3.39 0.12
CG MSE C 47 1.00 2.19 0.98
SE MSE C 47 0.58 0.53 0.07
CE MSE C 47 1.85 0.71 -1.37
N LEU C 48 -2.04 4.73 1.22
CA LEU C 48 -3.15 4.82 2.17
C LEU C 48 -4.55 4.67 1.48
N GLY C 49 -4.56 4.49 0.16
CA GLY C 49 -5.81 4.35 -0.60
C GLY C 49 -6.51 5.70 -0.68
N GLN C 50 -5.76 6.75 -0.36
CA GLN C 50 -6.26 8.11 -0.38
C GLN C 50 -5.94 8.73 -1.69
N ASN C 51 -6.59 9.84 -1.95
CA ASN C 51 -6.46 10.48 -3.21
C ASN C 51 -5.72 11.78 -2.93
N PRO C 52 -4.46 11.85 -3.40
CA PRO C 52 -3.62 13.02 -3.18
C PRO C 52 -4.01 14.14 -4.11
N THR C 53 -4.43 15.25 -3.52
CA THR C 53 -4.52 16.46 -4.31
C THR C 53 -3.10 17.00 -4.57
N PRO C 54 -2.64 16.91 -5.84
CA PRO C 54 -1.30 17.34 -6.23
C PRO C 54 -1.08 18.86 -6.09
N GLU C 55 -2.08 19.67 -6.44
CA GLU C 55 -2.03 21.08 -6.12
C GLU C 55 -1.93 21.27 -4.61
N GLU C 56 -2.67 20.46 -3.85
CA GLU C 56 -2.63 20.57 -2.38
C GLU C 56 -1.31 20.05 -1.79
N LEU C 57 -0.64 19.15 -2.51
CA LEU C 57 0.67 18.66 -2.09
C LEU C 57 1.69 19.79 -2.29
N GLN C 58 1.66 20.46 -3.44
CA GLN C 58 2.59 21.55 -3.71
C GLN C 58 2.46 22.68 -2.70
N GLU C 59 1.25 22.93 -2.20
CA GLU C 59 1.01 24.02 -1.24
C GLU C 59 1.57 23.76 0.17
N MSE C 60 1.53 22.51 0.60
CA MSE C 60 2.16 22.08 1.84
C MSE C 60 3.66 22.30 1.69
O MSE C 60 4.30 22.94 2.53
CB MSE C 60 1.90 20.58 2.09
CG MSE C 60 0.43 20.19 2.24
SE MSE C 60 0.13 18.24 2.12
CE MSE C 60 1.13 17.61 3.70
N ILE C 61 4.22 21.79 0.60
CA ILE C 61 5.62 21.97 0.30
C ILE C 61 6.02 23.45 0.19
N ASP C 62 5.22 24.23 -0.52
CA ASP C 62 5.57 25.62 -0.82
C ASP C 62 5.77 26.51 0.39
N GLU C 63 4.91 26.37 1.39
CA GLU C 63 4.93 27.27 2.55
C GLU C 63 6.31 27.29 3.21
N VAL C 64 6.93 26.10 3.30
CA VAL C 64 8.18 25.89 4.01
C VAL C 64 9.39 25.94 3.10
N ASP C 65 9.16 25.80 1.79
CA ASP C 65 10.26 25.64 0.85
C ASP C 65 11.17 26.88 0.72
N GLU C 66 11.96 27.15 1.76
CA GLU C 66 12.82 28.35 1.88
C GLU C 66 13.87 28.54 0.77
N ASP C 67 14.26 27.45 0.12
CA ASP C 67 15.26 27.49 -0.96
C ASP C 67 14.61 27.37 -2.34
N GLY C 68 13.28 27.29 -2.36
CA GLY C 68 12.51 27.19 -3.61
C GLY C 68 12.83 26.01 -4.51
N SER C 69 13.09 24.84 -3.91
CA SER C 69 13.46 23.65 -4.66
C SER C 69 12.26 22.86 -5.20
N GLY C 70 11.05 23.30 -4.83
CA GLY C 70 9.81 22.52 -5.09
C GLY C 70 9.70 21.24 -4.25
N THR C 71 10.58 21.10 -3.26
CA THR C 71 10.67 19.91 -2.42
C THR C 71 11.11 20.33 -1.03
N VAL C 72 11.09 19.41 -0.08
CA VAL C 72 11.46 19.80 1.27
C VAL C 72 12.67 19.00 1.70
N ASP C 73 13.75 19.71 2.04
CA ASP C 73 14.91 19.04 2.63
C ASP C 73 14.75 18.80 4.15
N PHE C 74 15.79 18.25 4.79
CA PHE C 74 15.78 17.93 6.24
C PHE C 74 15.29 19.13 7.08
N ASP C 75 15.91 20.31 6.89
CA ASP C 75 15.58 21.46 7.72
C ASP C 75 14.15 21.91 7.45
N GLU C 76 13.74 21.85 6.17
CA GLU C 76 12.41 22.38 5.79
C GLU C 76 11.37 21.44 6.34
N PHE C 77 11.66 20.14 6.31
CA PHE C 77 10.82 19.13 6.92
C PHE C 77 10.56 19.25 8.43
N LEU C 78 11.56 19.69 9.20
CA LEU C 78 11.33 19.78 10.64
C LEU C 78 10.34 20.90 10.90
N VAL C 79 10.36 21.93 10.06
CA VAL C 79 9.44 23.04 10.17
C VAL C 79 8.04 22.59 9.77
N MSE C 80 7.94 21.97 8.58
CA MSE C 80 6.70 21.39 8.08
C MSE C 80 6.01 20.54 9.15
O MSE C 80 4.83 20.75 9.42
CB MSE C 80 6.93 20.54 6.84
CG MSE C 80 5.72 20.44 5.90
SE MSE C 80 6.02 19.15 4.44
CE MSE C 80 5.91 17.52 5.48
N MSE C 81 6.76 19.65 9.77
CA MSE C 81 6.18 18.70 10.74
C MSE C 81 5.76 19.30 12.08
O MSE C 81 5.20 18.60 12.93
CB MSE C 81 7.11 17.50 10.96
CG MSE C 81 8.32 17.76 11.82
SE MSE C 81 8.88 16.11 12.74
CE MSE C 81 7.20 15.72 13.65
N VAL C 82 6.04 20.58 12.25
CA VAL C 82 5.78 21.26 13.50
C VAL C 82 4.55 22.14 13.28
N ARG C 83 4.37 22.59 12.04
CA ARG C 83 3.15 23.30 11.66
C ARG C 83 1.89 22.40 11.58
N CYS C 84 2.08 21.11 11.22
CA CYS C 84 0.97 20.13 11.21
C CYS C 84 0.54 19.79 12.64
N MSE C 85 1.53 19.71 13.53
CA MSE C 85 1.37 19.11 14.85
C MSE C 85 1.55 20.14 15.96
O MSE C 85 0.62 20.38 16.74
CB MSE C 85 2.37 17.95 14.99
CG MSE C 85 3.03 17.78 16.35
SE MSE C 85 4.91 17.28 16.10
CE MSE C 85 5.73 19.00 16.51
N TYR D 5 -0.93 18.74 28.34
CA TYR D 5 -2.14 19.64 28.40
C TYR D 5 -1.82 21.11 28.09
N LYS D 6 -2.78 21.77 27.43
CA LYS D 6 -2.73 23.19 27.15
C LYS D 6 -2.75 24.03 28.44
N ALA D 7 -3.36 23.49 29.49
CA ALA D 7 -3.31 24.10 30.81
C ALA D 7 -1.87 24.16 31.28
N ALA D 8 -1.19 23.02 31.22
CA ALA D 8 0.21 22.90 31.60
C ALA D 8 1.10 23.89 30.83
N VAL D 9 1.09 23.86 29.50
CA VAL D 9 1.94 24.81 28.74
C VAL D 9 1.68 26.28 29.04
N GLU D 10 0.44 26.61 29.42
CA GLU D 10 0.05 27.98 29.79
C GLU D 10 0.85 28.49 31.01
N GLN D 11 1.28 27.55 31.85
CA GLN D 11 2.01 27.84 33.09
C GLN D 11 3.46 28.23 32.87
N LEU D 12 3.95 28.10 31.62
CA LEU D 12 5.36 28.37 31.29
C LEU D 12 5.62 29.85 31.29
N THR D 13 6.67 30.25 31.95
CA THR D 13 7.12 31.64 31.98
C THR D 13 7.51 32.08 30.57
N GLU D 14 7.63 33.38 30.39
CA GLU D 14 8.11 34.02 29.16
C GLU D 14 9.56 33.63 28.76
N GLU D 15 10.40 33.40 29.75
CA GLU D 15 11.75 32.96 29.52
C GLU D 15 11.72 31.52 29.02
N GLN D 16 10.99 30.65 29.70
CA GLN D 16 10.83 29.24 29.24
C GLN D 16 10.38 29.13 27.77
N LYS D 17 9.33 29.86 27.41
CA LYS D 17 8.84 29.85 26.03
C LYS D 17 9.87 30.41 25.04
N ASN D 18 10.47 31.55 25.40
CA ASN D 18 11.55 32.16 24.58
C ASN D 18 12.75 31.22 24.35
N GLU D 19 13.14 30.53 25.39
CA GLU D 19 14.28 29.63 25.31
C GLU D 19 13.91 28.32 24.63
N PHE D 20 12.66 27.86 24.83
CA PHE D 20 12.16 26.65 24.24
C PHE D 20 12.09 26.84 22.72
N LYS D 21 11.64 28.01 22.29
CA LYS D 21 11.64 28.37 20.88
C LYS D 21 13.04 28.54 20.25
N ALA D 22 13.99 29.05 21.02
CA ALA D 22 15.35 29.19 20.50
C ALA D 22 15.98 27.82 20.41
N ALA D 23 15.64 26.91 21.33
CA ALA D 23 16.08 25.52 21.21
C ALA D 23 15.62 24.88 19.90
N PHE D 24 14.32 24.96 19.61
CA PHE D 24 13.81 24.57 18.30
C PHE D 24 14.53 25.21 17.10
N ASP D 25 14.63 26.54 17.07
CA ASP D 25 15.44 27.23 16.03
C ASP D 25 16.86 26.67 15.84
N ILE D 26 17.47 26.24 16.92
CA ILE D 26 18.84 25.72 16.84
C ILE D 26 18.85 24.29 16.30
N PHE D 27 17.91 23.49 16.76
CA PHE D 27 17.68 22.19 16.17
C PHE D 27 17.53 22.30 14.65
N VAL D 28 16.74 23.25 14.18
CA VAL D 28 16.45 23.36 12.76
C VAL D 28 17.70 23.79 12.01
N LEU D 29 18.37 24.76 12.60
CA LEU D 29 19.56 25.36 12.11
C LEU D 29 20.59 24.28 11.89
N GLY D 30 20.80 23.40 12.87
CA GLY D 30 21.76 22.29 12.74
C GLY D 30 21.51 21.28 11.61
N ALA D 31 20.24 21.11 11.22
CA ALA D 31 19.84 20.17 10.15
C ALA D 31 20.05 20.78 8.76
N GLU D 32 20.25 22.09 8.70
CA GLU D 32 20.57 22.78 7.43
C GLU D 32 21.72 22.14 6.63
N ASP D 33 22.66 21.49 7.31
CA ASP D 33 23.85 20.84 6.70
C ASP D 33 23.53 19.40 6.27
N GLY D 34 22.27 19.00 6.41
CA GLY D 34 21.86 17.63 6.13
C GLY D 34 21.92 16.63 7.26
N CYS D 35 22.35 17.05 8.45
CA CYS D 35 22.55 16.04 9.51
C CYS D 35 22.02 16.58 10.84
N ILE D 36 21.77 15.67 11.76
CA ILE D 36 21.70 16.02 13.17
C ILE D 36 22.84 15.31 13.87
N SER D 37 23.70 16.07 14.55
CA SER D 37 24.81 15.45 15.30
C SER D 37 24.61 15.39 16.82
N THR D 38 25.32 14.46 17.46
CA THR D 38 25.40 14.34 18.92
C THR D 38 25.58 15.72 19.57
N LYS D 39 26.44 16.53 18.98
CA LYS D 39 26.65 17.85 19.49
C LYS D 39 25.60 18.87 19.12
N GLU D 40 24.82 18.63 18.05
CA GLU D 40 23.77 19.60 17.72
C GLU D 40 22.64 19.37 18.72
N LEU D 41 22.41 18.10 19.00
CA LEU D 41 21.49 17.67 20.02
C LEU D 41 21.88 18.18 21.42
N GLY D 42 23.18 18.13 21.77
CA GLY D 42 23.64 18.53 23.11
C GLY D 42 23.34 20.00 23.37
N LYS D 43 23.57 20.80 22.35
CA LYS D 43 23.26 22.21 22.31
C LYS D 43 21.75 22.48 22.48
N VAL D 44 20.90 21.75 21.76
CA VAL D 44 19.45 21.81 21.96
C VAL D 44 19.10 21.58 23.44
N MSE D 45 19.62 20.48 24.02
CA MSE D 45 19.39 20.12 25.39
C MSE D 45 19.87 21.18 26.41
O MSE D 45 19.12 21.54 27.34
CB MSE D 45 20.05 18.79 25.66
CG MSE D 45 19.45 17.62 24.89
SE MSE D 45 20.24 15.95 25.50
CE MSE D 45 19.65 15.86 27.38
N ARG D 46 21.09 21.69 26.23
CA ARG D 46 21.61 22.78 27.07
C ARG D 46 20.73 24.04 27.03
N MSE D 47 20.19 24.38 25.86
CA MSE D 47 19.27 25.49 25.75
C MSE D 47 18.03 25.29 26.64
O MSE D 47 17.53 26.23 27.20
CB MSE D 47 18.83 25.64 24.30
CG MSE D 47 17.85 26.76 24.01
SE MSE D 47 18.36 28.55 24.63
CE MSE D 47 20.09 28.79 23.74
N LEU D 48 17.58 24.04 26.75
CA LEU D 48 16.41 23.66 27.57
C LEU D 48 16.78 23.46 29.04
N GLY D 49 17.95 23.91 29.46
CA GLY D 49 18.42 23.69 30.83
C GLY D 49 18.91 22.31 31.23
N GLN D 50 19.07 21.41 30.26
CA GLN D 50 19.51 20.05 30.61
C GLN D 50 20.98 19.87 30.34
N ASN D 51 21.60 18.97 31.08
CA ASN D 51 22.98 18.61 30.83
C ASN D 51 23.01 17.51 29.79
N PRO D 52 23.74 17.73 28.71
CA PRO D 52 23.61 16.77 27.61
C PRO D 52 24.24 15.46 27.96
N THR D 53 23.59 14.37 27.56
CA THR D 53 24.10 13.03 27.82
C THR D 53 24.75 12.38 26.58
N PRO D 54 25.98 12.81 26.22
CA PRO D 54 26.55 12.39 24.93
C PRO D 54 26.61 10.88 24.74
N GLU D 55 27.01 10.14 25.76
CA GLU D 55 27.02 8.65 25.76
C GLU D 55 25.70 8.06 25.22
N GLU D 56 24.59 8.44 25.83
CA GLU D 56 23.29 7.95 25.33
C GLU D 56 22.88 8.68 24.03
N LEU D 57 23.43 9.87 23.79
CA LEU D 57 23.15 10.53 22.51
C LEU D 57 23.71 9.74 21.33
N GLN D 58 25.03 9.48 21.36
CA GLN D 58 25.73 8.82 20.26
C GLN D 58 25.30 7.39 19.98
N GLU D 59 24.91 6.62 21.00
CA GLU D 59 24.49 5.24 20.72
C GLU D 59 23.02 5.12 20.29
N MSE D 60 22.24 6.16 20.55
CA MSE D 60 20.91 6.20 19.94
C MSE D 60 21.09 6.37 18.43
O MSE D 60 20.57 5.55 17.64
CB MSE D 60 20.10 7.34 20.51
CG MSE D 60 18.72 7.44 19.91
SE MSE D 60 17.86 9.03 20.60
CE MSE D 60 17.75 8.54 22.52
N ILE D 61 21.84 7.41 18.07
CA ILE D 61 22.30 7.64 16.69
C ILE D 61 22.93 6.37 16.13
N ASP D 62 23.86 5.78 16.89
CA ASP D 62 24.55 4.57 16.43
C ASP D 62 23.55 3.46 16.10
N GLU D 63 22.53 3.30 16.94
CA GLU D 63 21.49 2.29 16.70
C GLU D 63 20.86 2.44 15.30
N VAL D 64 20.84 3.68 14.83
CA VAL D 64 20.13 4.03 13.63
C VAL D 64 21.04 4.51 12.49
N ASP D 65 22.20 5.09 12.85
CA ASP D 65 23.18 5.51 11.84
C ASP D 65 23.52 4.27 11.07
N GLU D 66 23.28 4.32 9.77
CA GLU D 66 23.36 3.14 8.95
C GLU D 66 24.35 3.35 7.81
N ASP D 67 24.72 4.61 7.58
CA ASP D 67 25.74 4.94 6.57
C ASP D 67 27.09 5.27 7.18
N GLY D 68 27.18 5.16 8.52
CA GLY D 68 28.44 5.31 9.25
C GLY D 68 28.97 6.73 9.26
N SER D 69 28.07 7.70 9.11
CA SER D 69 28.44 9.11 9.14
C SER D 69 28.81 9.64 10.56
N GLY D 70 28.57 8.82 11.58
CA GLY D 70 28.56 9.29 12.98
C GLY D 70 27.42 10.25 13.30
N THR D 71 26.58 10.54 12.29
CA THR D 71 25.48 11.52 12.38
C THR D 71 24.18 10.97 11.78
N VAL D 72 23.08 11.72 11.90
CA VAL D 72 21.79 11.26 11.38
C VAL D 72 21.35 12.13 10.22
N ASP D 73 21.17 11.53 9.04
CA ASP D 73 20.51 12.25 7.93
C ASP D 73 18.96 12.19 8.04
N PHE D 74 18.25 12.75 7.05
CA PHE D 74 16.79 12.80 6.99
C PHE D 74 16.16 11.40 7.20
N ASP D 75 16.54 10.42 6.39
CA ASP D 75 15.92 9.10 6.55
C ASP D 75 16.25 8.43 7.88
N GLU D 76 17.45 8.66 8.42
CA GLU D 76 17.81 8.03 9.72
C GLU D 76 17.01 8.73 10.83
N PHE D 77 16.84 10.04 10.71
CA PHE D 77 16.00 10.74 11.64
C PHE D 77 14.55 10.18 11.69
N LEU D 78 13.92 10.02 10.52
CA LEU D 78 12.60 9.43 10.42
C LEU D 78 12.54 8.11 11.18
N VAL D 79 13.54 7.25 10.96
CA VAL D 79 13.62 5.96 11.62
C VAL D 79 13.73 6.18 13.13
N MSE D 80 14.71 6.98 13.55
CA MSE D 80 14.90 7.31 14.94
C MSE D 80 13.58 7.70 15.60
O MSE D 80 13.12 7.02 16.52
CB MSE D 80 15.94 8.43 15.07
CG MSE D 80 16.58 8.58 16.46
SE MSE D 80 17.91 10.03 16.48
CE MSE D 80 16.77 11.53 16.92
N MSE D 81 12.94 8.77 15.12
CA MSE D 81 11.75 9.33 15.78
C MSE D 81 10.61 8.33 15.86
O MSE D 81 9.63 8.55 16.58
CB MSE D 81 11.32 10.67 15.15
CG MSE D 81 10.30 10.59 14.04
SE MSE D 81 10.12 12.28 13.05
CE MSE D 81 8.49 11.89 12.05
N VAL D 82 10.74 7.23 15.12
CA VAL D 82 9.80 6.12 15.21
C VAL D 82 10.26 5.10 16.26
CD CD E . -19.32 -24.05 -7.00
CD CD F . -12.12 -22.82 1.01
CD CD G . -19.65 -25.68 -3.22
CD CD H . -12.40 -16.95 2.41
CD CD I . -6.73 -15.09 4.00
C1 DXC J . -15.69 -15.82 -22.93
C2 DXC J . -15.49 -17.20 -23.54
C3 DXC J . -14.10 -17.79 -23.25
C4 DXC J . -12.95 -16.83 -23.62
C5 DXC J . -13.18 -15.40 -23.12
C6 DXC J . -14.59 -14.84 -23.38
C7 DXC J . -14.00 -19.17 -23.91
C8 DXC J . -13.69 -19.20 -25.42
C9 DXC J . -12.58 -18.22 -25.83
C10 DXC J . -12.75 -16.82 -25.17
C11 DXC J . -12.58 -17.96 -27.34
C12 DXC J . -11.46 -17.06 -27.86
C13 DXC J . -11.57 -15.70 -27.19
C14 DXC J . -11.68 -15.81 -25.66
C15 DXC J . -12.70 -19.13 -28.31
C16 DXC J . -12.29 -18.47 -29.66
C17 DXC J . -11.80 -17.05 -29.35
C18 DXC J . -11.70 -17.35 -22.93
C19 DXC J . -10.79 -16.49 -30.36
O1 DXC J . -12.71 -15.07 -27.77
O2 DXC J . -17.01 -15.38 -23.31
C20 DXC J . -10.06 -17.62 -27.61
C21 DXC J . -11.48 -16.36 -31.72
C22 DXC J . -10.50 -16.62 -32.87
C23 DXC J . -11.33 -16.39 -34.10
O3 DXC J . -11.40 -15.22 -34.58
O4 DXC J . -11.95 -17.37 -34.56
C24 DXC J . -10.21 -15.09 -30.05
C1 DXC K . -6.76 -26.76 -17.97
C2 DXC K . -6.67 -26.98 -16.46
C3 DXC K . -7.42 -26.02 -15.52
C4 DXC K . -8.50 -25.10 -16.13
C5 DXC K . -8.49 -24.98 -17.67
C6 DXC K . -7.19 -25.35 -18.36
C7 DXC K . -6.34 -25.26 -14.71
C8 DXC K . -6.93 -24.43 -13.58
C9 DXC K . -7.98 -23.46 -14.09
C10 DXC K . -8.38 -23.68 -15.57
C11 DXC K . -7.54 -22.00 -13.99
C12 DXC K . -8.62 -21.04 -14.47
C13 DXC K . -9.14 -21.41 -15.86
C14 DXC K . -9.62 -22.85 -15.92
C15 DXC K . -7.03 -21.37 -12.69
C16 DXC K . -7.07 -19.86 -13.03
C17 DXC K . -7.80 -19.75 -14.39
C18 DXC K . -9.87 -25.62 -15.73
C19 DXC K . -8.47 -18.40 -14.75
O1 DXC K . -8.10 -21.24 -16.84
O2 DXC K . -5.47 -27.04 -18.55
C20 DXC K . -9.76 -21.09 -13.43
C21 DXC K . -8.45 -18.11 -16.26
C22 DXC K . -9.81 -18.32 -16.95
C23 DXC K . -9.68 -18.70 -18.42
O3 DXC K . -8.91 -18.05 -19.17
O4 DXC K . -10.38 -19.65 -18.86
C24 DXC K . -9.88 -18.20 -14.19
C1 DXC L . 6.49 -10.71 -11.50
C2 DXC L . 4.96 -10.70 -11.54
C3 DXC L . 4.36 -9.50 -10.79
C4 DXC L . 4.90 -9.33 -9.34
C5 DXC L . 6.43 -9.49 -9.31
C6 DXC L . 6.99 -10.70 -10.06
C7 DXC L . 2.83 -9.52 -10.87
C8 DXC L . 2.14 -10.37 -9.80
C9 DXC L . 2.70 -10.17 -8.40
C10 DXC L . 4.23 -10.36 -8.40
C11 DXC L . 2.06 -11.14 -7.39
C12 DXC L . 2.62 -11.03 -5.97
C13 DXC L . 4.13 -11.33 -5.97
C14 DXC L . 4.89 -10.45 -6.99
C15 DXC L . 0.55 -11.11 -7.24
C16 DXC L . 0.31 -11.78 -5.89
C17 DXC L . 1.69 -12.05 -5.26
C18 DXC L . 4.58 -7.92 -8.84
C19 DXC L . 1.64 -12.11 -3.71
O1 DXC L . 4.43 -12.73 -6.21
O2 DXC L . 7.02 -11.88 -12.14
C20 DXC L . 2.41 -9.63 -5.35
C21 DXC L . 0.54 -13.07 -3.21
C22 DXC L . 1.02 -14.12 -2.20
C23 DXC L . 0.83 -15.53 -2.73
O3 DXC L . 0.09 -16.30 -2.07
O4 DXC L . 1.43 -15.90 -3.77
C24 DXC L . 2.98 -12.47 -3.09
CA CA M . -24.69 -15.37 -15.33
CA CA N . -17.23 0.14 -19.64
CD CD O . -16.66 -7.16 -0.73
CD CD P . -24.13 -8.48 -8.27
CD CD Q . -20.56 -7.32 -0.24
CD CD R . -24.38 -14.52 -8.88
CD CD S . -7.93 -11.32 5.67
CD CD T . -17.99 4.53 -19.81
CD CD U . -26.78 1.52 -12.25
CD CD V . 13.03 12.64 -2.03
CD CD W . 13.27 23.12 -0.45
CD CD X . 14.79 15.20 -4.21
CD CD Y . 17.68 23.75 3.65
CD CD Z . -5.21 25.75 -2.45
CA CA AA . 17.87 4.18 4.91
C1 DXC BA . 7.19 1.56 11.02
C2 DXC BA . 5.81 1.35 10.42
C3 DXC BA . 4.72 2.28 10.95
C4 DXC BA . 4.76 2.59 12.46
C5 DXC BA . 6.19 2.61 13.03
C6 DXC BA . 7.09 1.49 12.54
C7 DXC BA . 3.46 1.53 10.50
C8 DXC BA . 2.20 1.86 11.29
C9 DXC BA . 2.40 1.61 12.78
C10 DXC BA . 3.89 1.52 13.17
C11 DXC BA . 1.76 0.29 13.23
C12 DXC BA . 1.84 0.09 14.74
C13 DXC BA . 3.30 0.10 15.22
C14 DXC BA . 4.09 1.32 14.68
C15 DXC BA . 0.33 -0.05 12.81
C16 DXC BA . -0.08 -1.13 13.81
C17 DXC BA . 1.09 -1.25 14.80
C18 DXC BA . 4.21 3.99 12.69
C19 DXC BA . 0.82 -1.93 16.19
O1 DXC BA . 3.98 -1.12 14.85
O2 DXC BA . 8.00 0.51 10.51
C20 DXC BA . 1.06 1.24 15.41
C21 DXC BA . 0.92 -1.04 17.44
C22 DXC BA . 1.65 -1.77 18.58
C23 DXC BA . 2.88 -1.03 19.06
O3 DXC BA . 2.77 -0.15 19.94
O4 DXC BA . 4.00 -1.34 18.55
C24 DXC BA . -0.43 -2.82 16.18
CD CD CA . 24.07 19.00 11.24
CD CD DA . 24.23 8.62 9.32
CD CD EA . 27.17 16.90 9.47
CD CD FA . 20.60 7.81 4.70
C1 DXC GA . 7.77 26.38 16.14
C2 DXC GA . 8.47 26.73 17.45
C3 DXC GA . 8.44 25.51 18.39
C4 DXC GA . 7.04 24.86 18.61
C5 DXC GA . 6.32 24.70 17.28
C6 DXC GA . 6.33 25.96 16.42
C7 DXC GA . 9.13 25.90 19.70
C8 DXC GA . 8.22 26.73 20.61
C9 DXC GA . 6.86 26.07 20.85
C10 DXC GA . 6.17 25.73 19.53
C11 DXC GA . 5.94 26.99 21.65
C12 DXC GA . 4.54 26.42 21.93
C13 DXC GA . 3.89 26.17 20.57
C14 DXC GA . 4.74 25.19 19.76
C15 DXC GA . 6.45 27.53 22.99
C16 DXC GA . 5.18 28.07 23.63
C17 DXC GA . 3.97 27.54 22.82
C18 DXC GA . 7.22 23.48 19.26
C19 DXC GA . 2.74 27.27 23.73
O1 DXC GA . 3.79 27.42 19.87
O2 DXC GA . 7.78 27.52 15.26
C20 DXC GA . 4.63 25.07 22.66
C21 DXC GA . 2.51 28.46 24.69
C22 DXC GA . 1.04 28.90 24.90
C23 DXC GA . 0.76 30.29 24.35
O3 DXC GA . 1.70 30.93 23.82
O4 DXC GA . -0.41 30.75 24.42
C24 DXC GA . 1.49 26.91 22.93
#